data_4YFM
#
_entry.id   4YFM
#
_cell.length_a   36.490
_cell.length_b   65.210
_cell.length_c   107.420
_cell.angle_alpha   90.00
_cell.angle_beta   90.94
_cell.angle_gamma   90.00
#
_symmetry.space_group_name_H-M   'P 1 21 1'
#
loop_
_entity.id
_entity.type
_entity.pdbx_description
1 polymer Beta-lactamase
2 non-polymer 'ACETATE ION'
3 non-polymer GLYCEROL
4 water water
#
_entity_poly.entity_id   1
_entity_poly.type   'polypeptide(L)'
_entity_poly.pdbx_seq_one_letter_code
;MHHHHHHENLYFQGHMAPDELASLEKDFGGRIGVYALDTGSGDTVGHRADERFLMCSTVKTFIVSAILRRRLSEPGLLDQ
RIQYTQSDVLEWAPITSQHVSTGMTVSELCDATLRYSDNTGANLLITQLGGPKETEKFVRSLGDNVTRMDRTEVQLNIPD
GDLDTSTPQQLVANLRRLVLDEGLDSRGRDLLTDWLKRNTTGDQSIRAAVPAGWTVADKTGGGFKGETNDIAVIWPPGRA
PIVMAVLTVPEDPTSTKGKPTIAAATRIVLRAFGA
;
_entity_poly.pdbx_strand_id   A,B
#
loop_
_chem_comp.id
_chem_comp.type
_chem_comp.name
_chem_comp.formula
ACT non-polymer 'ACETATE ION' 'C2 H3 O2 -1'
GOL non-polymer GLYCEROL 'C3 H8 O3'
#
# COMPACT_ATOMS: atom_id res chain seq x y z
N MET A 16 18.14 7.66 20.47
CA MET A 16 17.78 8.36 19.21
C MET A 16 17.29 7.34 18.15
N ALA A 17 18.04 6.26 17.86
CA ALA A 17 17.61 5.36 16.77
C ALA A 17 16.22 4.72 17.01
N PRO A 18 15.92 4.22 18.22
CA PRO A 18 14.59 3.60 18.30
C PRO A 18 13.46 4.67 18.19
N ASP A 19 13.65 5.87 18.75
CA ASP A 19 12.75 6.95 18.46
C ASP A 19 12.58 7.28 16.95
N GLU A 20 13.69 7.34 16.19
CA GLU A 20 13.60 7.62 14.80
C GLU A 20 12.85 6.46 14.11
N LEU A 21 13.07 5.23 14.57
CA LEU A 21 12.34 4.10 13.94
C LEU A 21 10.87 4.19 14.25
N ALA A 22 10.53 4.60 15.49
CA ALA A 22 9.13 4.77 15.78
C ALA A 22 8.55 5.88 14.96
N SER A 23 9.27 6.97 14.76
CA SER A 23 8.78 8.03 13.88
C SER A 23 8.59 7.59 12.43
N LEU A 24 9.56 6.80 11.92
CA LEU A 24 9.45 6.27 10.59
C LEU A 24 8.20 5.41 10.47
N GLU A 25 7.96 4.59 11.48
CA GLU A 25 6.79 3.69 11.40
C GLU A 25 5.51 4.51 11.36
N LYS A 26 5.47 5.62 12.12
CA LYS A 26 4.30 6.49 12.13
C LYS A 26 4.05 7.12 10.74
N ASP A 27 5.10 7.55 10.08
CA ASP A 27 5.05 8.08 8.74
C ASP A 27 4.64 7.01 7.71
N PHE A 28 5.22 5.79 7.81
CA PHE A 28 4.89 4.74 6.93
C PHE A 28 3.44 4.30 7.02
N GLY A 29 2.91 4.16 8.21
CA GLY A 29 1.54 3.60 8.38
C GLY A 29 1.56 2.09 8.33
N GLY A 30 1.89 1.49 9.44
CA GLY A 30 1.93 0.05 9.51
C GLY A 30 2.92 -0.37 10.56
N ARG A 31 3.53 -1.54 10.36
CA ARG A 31 4.41 -2.10 11.33
C ARG A 31 5.74 -2.31 10.68
N ILE A 32 6.80 -1.85 11.34
CA ILE A 32 8.21 -2.08 10.91
C ILE A 32 8.91 -2.85 12.03
N GLY A 33 9.57 -3.94 11.68
CA GLY A 33 10.38 -4.73 12.56
C GLY A 33 11.84 -4.63 12.12
N VAL A 34 12.68 -4.18 13.05
CA VAL A 34 14.11 -3.97 12.80
C VAL A 34 14.90 -4.65 13.85
N TYR A 35 15.97 -5.32 13.46
CA TYR A 35 17.02 -5.66 14.42
C TYR A 35 18.32 -5.59 13.66
N ALA A 36 19.33 -5.00 14.31
CA ALA A 36 20.66 -4.89 13.72
C ALA A 36 21.72 -5.03 14.75
N LEU A 37 22.77 -5.72 14.38
CA LEU A 37 23.88 -6.07 15.29
C LEU A 37 25.16 -5.59 14.59
N ASP A 38 25.98 -4.83 15.33
CA ASP A 38 27.34 -4.46 14.89
C ASP A 38 28.26 -5.52 15.52
N THR A 39 28.85 -6.41 14.74
CA THR A 39 29.63 -7.50 15.27
C THR A 39 30.99 -7.00 15.81
N GLY A 40 31.29 -5.72 15.62
CA GLY A 40 32.56 -5.13 16.23
C GLY A 40 32.34 -4.70 17.66
N SER A 41 31.45 -3.75 17.81
CA SER A 41 31.03 -3.29 19.14
C SER A 41 30.24 -4.29 19.91
N GLY A 42 29.46 -5.13 19.23
CA GLY A 42 28.41 -5.94 19.87
C GLY A 42 27.13 -5.18 20.10
N ASP A 43 27.05 -3.90 19.70
CA ASP A 43 25.87 -3.10 19.92
C ASP A 43 24.70 -3.53 19.01
N THR A 44 23.50 -3.24 19.48
CA THR A 44 22.29 -3.55 18.76
C THR A 44 21.33 -2.40 18.66
N VAL A 45 20.49 -2.44 17.64
CA VAL A 45 19.36 -1.52 17.43
C VAL A 45 18.13 -2.37 17.17
N GLY A 46 17.00 -2.05 17.78
CA GLY A 46 15.83 -2.88 17.54
C GLY A 46 14.54 -2.09 17.63
N HIS A 47 13.52 -2.50 16.87
CA HIS A 47 12.18 -1.98 16.97
C HIS A 47 11.25 -3.14 16.63
N ARG A 48 10.35 -3.52 17.53
CA ARG A 48 9.53 -4.73 17.27
C ARG A 48 10.39 -5.93 16.94
N ALA A 49 11.56 -6.06 17.58
CA ALA A 49 12.49 -7.07 17.16
C ALA A 49 12.07 -8.50 17.51
N ASP A 50 11.13 -8.59 18.46
CA ASP A 50 10.59 -9.86 18.90
C ASP A 50 9.21 -10.16 18.37
N GLU A 51 8.73 -9.38 17.43
CA GLU A 51 7.41 -9.64 16.87
C GLU A 51 7.53 -10.51 15.61
N ARG A 52 6.46 -11.29 15.32
CA ARG A 52 6.41 -12.12 14.12
C ARG A 52 6.02 -11.35 12.88
N PHE A 53 6.63 -11.74 11.76
CA PHE A 53 6.38 -11.25 10.44
C PHE A 53 6.49 -12.42 9.50
N LEU A 54 5.78 -12.42 8.41
CA LEU A 54 6.05 -13.35 7.31
C LEU A 54 7.48 -13.21 6.83
N MET A 55 8.23 -14.30 6.66
CA MET A 55 9.52 -14.18 6.05
C MET A 55 9.43 -13.83 4.56
N CYS A 56 8.35 -14.24 3.88
CA CYS A 56 8.29 -14.22 2.40
C CYS A 56 9.56 -14.84 1.79
N SER A 57 10.10 -14.30 0.71
CA SER A 57 11.22 -14.93 0.04
C SER A 57 12.52 -14.84 0.81
N THR A 58 12.61 -14.15 1.98
CA THR A 58 13.83 -14.24 2.74
C THR A 58 14.12 -15.66 3.19
N VAL A 59 13.10 -16.50 3.26
CA VAL A 59 13.27 -17.88 3.65
C VAL A 59 14.16 -18.69 2.65
N LYS A 60 14.29 -18.18 1.44
CA LYS A 60 15.15 -18.82 0.45
C LYS A 60 16.59 -18.91 0.97
N THR A 61 17.00 -17.93 1.80
CA THR A 61 18.30 -18.00 2.38
C THR A 61 18.52 -19.34 3.10
N PHE A 62 17.50 -19.75 3.88
CA PHE A 62 17.54 -20.98 4.67
C PHE A 62 17.32 -22.22 3.86
N ILE A 63 16.46 -22.18 2.87
CA ILE A 63 16.29 -23.34 1.93
C ILE A 63 17.63 -23.67 1.29
N VAL A 64 18.31 -22.66 0.75
CA VAL A 64 19.63 -22.88 0.14
C VAL A 64 20.65 -23.35 1.18
N SER A 65 20.63 -22.79 2.38
CA SER A 65 21.53 -23.24 3.39
C SER A 65 21.26 -24.69 3.74
N ALA A 66 19.97 -25.06 3.81
CA ALA A 66 19.65 -26.46 4.10
C ALA A 66 20.15 -27.43 3.00
N ILE A 67 20.08 -27.03 1.77
CA ILE A 67 20.64 -27.80 0.62
C ILE A 67 22.15 -27.91 0.79
N LEU A 68 22.83 -26.80 1.15
CA LEU A 68 24.25 -26.86 1.34
C LEU A 68 24.65 -27.78 2.45
N ARG A 69 23.91 -27.83 3.54
CA ARG A 69 24.22 -28.76 4.63
C ARG A 69 23.93 -30.17 4.18
N ARG A 70 22.81 -30.39 3.47
CA ARG A 70 22.38 -31.72 3.00
C ARG A 70 23.44 -32.34 2.09
N ARG A 71 24.23 -31.55 1.37
CA ARG A 71 25.23 -32.06 0.45
C ARG A 71 26.29 -32.85 1.22
N LEU A 72 26.45 -32.56 2.51
CA LEU A 72 27.46 -33.26 3.29
C LEU A 72 27.09 -34.69 3.52
N SER A 73 25.80 -35.02 3.43
CA SER A 73 25.30 -36.39 3.59
C SER A 73 24.92 -37.05 2.27
N GLU A 74 24.93 -36.29 1.16
CA GLU A 74 24.49 -36.72 -0.17
C GLU A 74 25.52 -36.36 -1.20
N PRO A 75 26.60 -37.14 -1.34
CA PRO A 75 27.76 -36.79 -2.18
C PRO A 75 27.34 -36.49 -3.63
N GLY A 76 27.70 -35.32 -4.13
CA GLY A 76 27.40 -34.86 -5.47
C GLY A 76 26.07 -34.13 -5.62
N LEU A 77 25.39 -33.90 -4.50
CA LEU A 77 24.09 -33.21 -4.55
C LEU A 77 24.10 -31.95 -5.44
N LEU A 78 25.04 -31.04 -5.27
CA LEU A 78 25.00 -29.76 -6.03
C LEU A 78 25.05 -29.96 -7.54
N ASP A 79 25.65 -31.07 -7.98
CA ASP A 79 25.79 -31.36 -9.41
C ASP A 79 24.66 -32.17 -9.97
N GLN A 80 23.76 -32.65 -9.14
CA GLN A 80 22.61 -33.40 -9.62
C GLN A 80 21.71 -32.54 -10.50
N ARG A 81 21.30 -33.07 -11.64
CA ARG A 81 20.47 -32.33 -12.57
C ARG A 81 19.02 -32.67 -12.26
N ILE A 82 18.22 -31.63 -12.05
CA ILE A 82 16.82 -31.76 -11.78
C ILE A 82 16.01 -31.41 -13.04
N GLN A 83 15.15 -32.36 -13.43
CA GLN A 83 14.18 -32.18 -14.53
C GLN A 83 12.84 -31.74 -14.00
N TYR A 84 12.19 -30.82 -14.64
CA TYR A 84 10.93 -30.35 -14.24
C TYR A 84 10.05 -30.04 -15.42
N THR A 85 8.85 -29.58 -15.20
CA THR A 85 7.88 -29.46 -16.24
C THR A 85 7.24 -28.13 -16.30
N GLN A 86 6.43 -27.89 -17.31
CA GLN A 86 5.69 -26.61 -17.36
C GLN A 86 4.81 -26.34 -16.16
N SER A 87 4.24 -27.38 -15.54
CA SER A 87 3.39 -27.20 -14.38
C SER A 87 4.17 -26.59 -13.22
N ASP A 88 5.45 -26.87 -13.19
CA ASP A 88 6.34 -26.30 -12.15
C ASP A 88 6.62 -24.86 -12.32
N VAL A 89 6.48 -24.33 -13.52
CA VAL A 89 6.84 -22.97 -13.78
C VAL A 89 5.80 -22.01 -13.29
N LEU A 90 6.23 -21.09 -12.42
CA LEU A 90 5.37 -20.06 -11.85
C LEU A 90 5.54 -18.69 -12.53
N GLU A 91 4.72 -17.70 -12.11
CA GLU A 91 4.73 -16.41 -12.81
C GLU A 91 6.06 -15.70 -12.70
N TRP A 92 6.72 -15.85 -11.54
CA TRP A 92 8.06 -15.31 -11.33
C TRP A 92 9.03 -16.51 -11.23
N ALA A 93 9.65 -16.80 -12.36
CA ALA A 93 10.59 -17.91 -12.51
C ALA A 93 11.54 -17.49 -13.61
N PRO A 94 12.27 -16.40 -13.37
CA PRO A 94 13.07 -15.77 -14.44
C PRO A 94 14.12 -16.67 -15.04
N ILE A 95 14.74 -17.57 -14.27
CA ILE A 95 15.75 -18.47 -14.77
C ILE A 95 15.12 -19.79 -15.16
N THR A 96 14.40 -20.43 -14.22
CA THR A 96 13.92 -21.80 -14.45
C THR A 96 12.90 -21.86 -15.59
N SER A 97 12.19 -20.77 -15.86
CA SER A 97 11.31 -20.76 -17.04
C SER A 97 12.04 -20.93 -18.36
N GLN A 98 13.33 -20.71 -18.40
CA GLN A 98 14.07 -20.81 -19.67
C GLN A 98 14.66 -22.21 -19.88
N HIS A 99 14.58 -23.11 -18.90
CA HIS A 99 15.26 -24.45 -18.97
C HIS A 99 14.37 -25.63 -18.73
N VAL A 100 13.07 -25.51 -18.96
CA VAL A 100 12.16 -26.60 -18.79
C VAL A 100 12.54 -27.86 -19.58
N SER A 101 13.08 -27.67 -20.76
CA SER A 101 13.43 -28.89 -21.54
C SER A 101 14.64 -29.64 -21.08
N THR A 102 15.61 -28.89 -20.49
CA THR A 102 16.94 -29.41 -20.26
C THR A 102 17.35 -29.58 -18.83
N GLY A 103 16.54 -29.03 -17.92
CA GLY A 103 16.81 -29.19 -16.48
C GLY A 103 17.88 -28.17 -16.01
N MET A 104 18.07 -28.17 -14.69
CA MET A 104 19.10 -27.36 -14.05
C MET A 104 19.70 -28.17 -12.92
N THR A 105 20.95 -27.89 -12.60
CA THR A 105 21.53 -28.54 -11.49
C THR A 105 21.08 -27.91 -10.18
N VAL A 106 21.25 -28.66 -9.11
CA VAL A 106 20.90 -28.12 -7.79
C VAL A 106 21.65 -26.84 -7.53
N SER A 107 22.95 -26.77 -7.79
CA SER A 107 23.71 -25.52 -7.68
C SER A 107 23.05 -24.36 -8.45
N GLU A 108 22.74 -24.62 -9.72
CA GLU A 108 22.14 -23.59 -10.56
C GLU A 108 20.78 -23.14 -10.00
N LEU A 109 19.99 -24.04 -9.44
CA LEU A 109 18.73 -23.68 -8.78
C LEU A 109 18.98 -22.84 -7.55
N CYS A 110 20.03 -23.14 -6.77
CA CYS A 110 20.37 -22.27 -5.59
C CYS A 110 20.72 -20.85 -6.08
N ASP A 111 21.53 -20.78 -7.14
CA ASP A 111 21.89 -19.49 -7.74
C ASP A 111 20.69 -18.67 -8.13
N ALA A 112 19.75 -19.29 -8.86
CA ALA A 112 18.63 -18.58 -9.35
C ALA A 112 17.71 -18.17 -8.20
N THR A 113 17.51 -19.07 -7.25
CA THR A 113 16.62 -18.88 -6.11
C THR A 113 17.12 -17.66 -5.33
N LEU A 114 18.42 -17.55 -5.08
CA LEU A 114 18.93 -16.43 -4.27
C LEU A 114 19.11 -15.15 -5.09
N ARG A 115 19.67 -15.24 -6.28
CA ARG A 115 20.04 -14.02 -7.03
C ARG A 115 18.86 -13.40 -7.72
N TYR A 116 17.88 -14.20 -8.12
CA TYR A 116 16.72 -13.71 -8.78
C TYR A 116 15.42 -13.98 -8.08
N SER A 117 15.46 -14.56 -6.88
CA SER A 117 14.32 -14.91 -6.10
C SER A 117 13.38 -15.83 -6.91
N ASP A 118 13.98 -16.73 -7.73
CA ASP A 118 13.18 -17.58 -8.61
C ASP A 118 12.28 -18.51 -7.76
N ASN A 119 10.96 -18.40 -7.97
CA ASN A 119 10.03 -19.13 -7.12
C ASN A 119 9.97 -20.61 -7.47
N THR A 120 10.02 -20.93 -8.75
CA THR A 120 10.09 -22.32 -9.13
C THR A 120 11.39 -22.99 -8.62
N GLY A 121 12.48 -22.25 -8.69
CA GLY A 121 13.73 -22.76 -8.14
C GLY A 121 13.57 -23.14 -6.69
N ALA A 122 12.96 -22.25 -5.91
CA ALA A 122 12.74 -22.53 -4.50
C ALA A 122 11.93 -23.79 -4.29
N ASN A 123 10.84 -23.92 -5.01
CA ASN A 123 9.96 -25.06 -4.87
C ASN A 123 10.69 -26.37 -5.23
N LEU A 124 11.46 -26.32 -6.27
CA LEU A 124 12.29 -27.49 -6.64
C LEU A 124 13.24 -27.95 -5.58
N LEU A 125 13.88 -26.98 -4.95
CA LEU A 125 14.79 -27.27 -3.87
C LEU A 125 14.05 -27.82 -2.65
N ILE A 126 12.91 -27.26 -2.32
CA ILE A 126 12.10 -27.76 -1.21
C ILE A 126 11.75 -29.22 -1.47
N THR A 127 11.36 -29.57 -2.71
CA THR A 127 11.07 -30.97 -3.05
C THR A 127 12.35 -31.83 -2.88
N GLN A 128 13.47 -31.35 -3.30
CA GLN A 128 14.73 -32.09 -3.15
C GLN A 128 15.06 -32.36 -1.70
N LEU A 129 14.77 -31.42 -0.79
CA LEU A 129 15.00 -31.64 0.61
C LEU A 129 14.03 -32.65 1.23
N GLY A 130 12.81 -32.68 0.72
CA GLY A 130 11.76 -33.52 1.26
C GLY A 130 10.58 -32.81 1.86
N GLY A 131 10.48 -31.49 1.61
CA GLY A 131 9.30 -30.71 1.95
C GLY A 131 9.62 -29.53 2.84
N PRO A 132 8.67 -28.64 3.08
CA PRO A 132 8.98 -27.40 3.78
C PRO A 132 9.51 -27.52 5.17
N LYS A 133 9.12 -28.60 5.90
CA LYS A 133 9.63 -28.78 7.25
C LYS A 133 11.12 -29.19 7.30
N GLU A 134 11.69 -29.61 6.18
CA GLU A 134 13.13 -29.94 6.22
C GLU A 134 13.98 -28.71 6.44
N THR A 135 13.59 -27.57 5.88
CA THR A 135 14.28 -26.33 6.17
C THR A 135 14.12 -25.91 7.62
N GLU A 136 12.92 -26.18 8.15
CA GLU A 136 12.70 -25.96 9.56
C GLU A 136 13.60 -26.80 10.46
N LYS A 137 13.74 -28.07 10.12
CA LYS A 137 14.67 -28.94 10.86
C LYS A 137 16.07 -28.39 10.82
N PHE A 138 16.44 -27.85 9.64
CA PHE A 138 17.75 -27.24 9.56
C PHE A 138 17.93 -26.07 10.50
N VAL A 139 17.03 -25.10 10.49
CA VAL A 139 17.22 -23.95 11.40
C VAL A 139 17.12 -24.40 12.84
N ARG A 140 16.28 -25.40 13.12
CA ARG A 140 16.21 -25.93 14.52
C ARG A 140 17.61 -26.42 14.96
N SER A 141 18.34 -27.01 14.03
CA SER A 141 19.72 -27.54 14.31
C SER A 141 20.72 -26.44 14.63
N LEU A 142 20.41 -25.22 14.24
CA LEU A 142 21.24 -24.05 14.52
C LEU A 142 20.86 -23.46 15.88
N GLY A 143 19.81 -24.00 16.50
CA GLY A 143 19.29 -23.43 17.75
C GLY A 143 18.20 -22.37 17.58
N ASP A 144 17.61 -22.31 16.37
CA ASP A 144 16.44 -21.43 16.13
C ASP A 144 15.17 -22.17 16.54
N ASN A 145 14.54 -21.79 17.66
CA ASN A 145 13.26 -22.35 18.05
C ASN A 145 12.11 -21.49 17.77
N VAL A 146 12.33 -20.41 17.03
CA VAL A 146 11.29 -19.40 16.73
C VAL A 146 10.66 -19.48 15.32
N THR A 147 11.52 -19.59 14.32
CA THR A 147 11.08 -19.65 12.95
C THR A 147 10.31 -20.88 12.63
N ARG A 148 9.35 -20.76 11.77
CA ARG A 148 8.62 -21.92 11.23
C ARG A 148 8.49 -21.80 9.70
N MET A 149 8.58 -22.96 9.06
CA MET A 149 8.35 -23.07 7.63
C MET A 149 7.25 -24.09 7.41
N ASP A 150 6.33 -23.76 6.52
CA ASP A 150 5.08 -24.55 6.36
C ASP A 150 4.64 -24.77 4.93
N ARG A 151 4.80 -23.75 4.07
CA ARG A 151 4.27 -23.74 2.75
C ARG A 151 5.33 -23.52 1.72
N THR A 152 4.97 -23.61 0.44
CA THR A 152 5.87 -23.36 -0.64
C THR A 152 5.49 -22.09 -1.38
N GLU A 153 6.27 -21.70 -2.39
CA GLU A 153 5.90 -20.53 -3.18
C GLU A 153 4.64 -20.84 -4.01
N VAL A 154 3.69 -19.91 -4.21
CA VAL A 154 3.73 -18.57 -3.68
C VAL A 154 2.85 -18.44 -2.38
N GLN A 155 2.30 -19.52 -1.90
CA GLN A 155 1.36 -19.49 -0.78
C GLN A 155 2.06 -19.02 0.50
N LEU A 156 3.39 -19.27 0.66
CA LEU A 156 4.08 -18.78 1.80
C LEU A 156 4.10 -17.27 2.01
N ASN A 157 3.72 -16.50 0.98
CA ASN A 157 3.59 -15.08 1.05
C ASN A 157 2.25 -14.56 1.56
N ILE A 158 1.33 -15.48 1.84
CA ILE A 158 -0.08 -15.12 2.24
C ILE A 158 -0.20 -15.32 3.69
N PRO A 159 -0.58 -14.27 4.47
CA PRO A 159 -0.70 -14.50 5.93
C PRO A 159 -1.76 -15.55 6.24
N ASP A 160 -1.44 -16.51 7.10
CA ASP A 160 -2.35 -17.62 7.42
C ASP A 160 -1.90 -18.09 8.79
N GLY A 161 -2.56 -17.65 9.86
CA GLY A 161 -2.05 -17.85 11.21
C GLY A 161 -0.65 -17.32 11.33
N ASP A 162 0.24 -18.08 12.00
CA ASP A 162 1.68 -17.71 12.07
C ASP A 162 2.52 -18.61 11.16
N LEU A 163 1.94 -19.23 10.15
CA LEU A 163 2.71 -20.06 9.21
C LEU A 163 3.78 -19.18 8.55
N ASP A 164 4.98 -19.78 8.36
CA ASP A 164 6.02 -19.13 7.54
C ASP A 164 6.50 -17.79 8.12
N THR A 165 6.62 -17.74 9.43
CA THR A 165 7.01 -16.53 10.16
C THR A 165 8.29 -16.68 10.90
N SER A 166 8.91 -15.53 11.10
CA SER A 166 10.06 -15.39 12.03
C SER A 166 9.99 -14.03 12.69
N THR A 167 11.06 -13.64 13.37
CA THR A 167 11.14 -12.31 13.96
C THR A 167 12.42 -11.64 13.44
N PRO A 168 12.48 -10.31 13.50
CA PRO A 168 13.74 -9.63 13.05
C PRO A 168 14.98 -10.16 13.75
N GLN A 169 14.89 -10.29 15.10
CA GLN A 169 16.06 -10.71 15.84
C GLN A 169 16.49 -12.14 15.51
N GLN A 170 15.50 -13.02 15.29
CA GLN A 170 15.86 -14.40 14.94
C GLN A 170 16.54 -14.49 13.56
N LEU A 171 16.05 -13.70 12.61
CA LEU A 171 16.58 -13.72 11.28
C LEU A 171 18.06 -13.25 11.35
N VAL A 172 18.33 -12.23 12.14
CA VAL A 172 19.72 -11.79 12.30
C VAL A 172 20.60 -12.86 12.92
N ALA A 173 20.12 -13.49 14.00
CA ALA A 173 20.91 -14.55 14.59
C ALA A 173 21.27 -15.59 13.56
N ASN A 174 20.28 -16.01 12.77
CA ASN A 174 20.54 -17.08 11.77
C ASN A 174 21.47 -16.60 10.68
N LEU A 175 21.28 -15.35 10.19
CA LEU A 175 22.15 -14.85 9.11
C LEU A 175 23.56 -14.72 9.62
N ARG A 176 23.75 -14.24 10.83
CA ARG A 176 25.09 -14.15 11.40
C ARG A 176 25.70 -15.51 11.46
N ARG A 177 24.95 -16.52 11.95
CA ARG A 177 25.52 -17.85 12.10
C ARG A 177 25.94 -18.43 10.72
N LEU A 178 25.15 -18.18 9.69
CA LEU A 178 25.38 -18.79 8.40
C LEU A 178 26.43 -18.07 7.53
N VAL A 179 26.39 -16.75 7.54
CA VAL A 179 27.30 -15.94 6.70
C VAL A 179 28.62 -15.67 7.38
N LEU A 180 28.64 -15.49 8.66
CA LEU A 180 29.87 -15.11 9.38
C LEU A 180 30.46 -16.23 10.20
N ASP A 181 29.66 -17.09 10.83
CA ASP A 181 30.15 -18.16 11.67
C ASP A 181 30.09 -19.53 11.02
N GLU A 182 29.85 -20.59 11.81
CA GLU A 182 29.98 -21.98 11.38
C GLU A 182 28.68 -22.75 11.27
N GLY A 183 27.62 -22.07 10.91
CA GLY A 183 26.41 -22.78 10.54
C GLY A 183 26.56 -23.74 9.41
N LEU A 184 27.45 -23.38 8.48
CA LEU A 184 27.81 -24.20 7.36
C LEU A 184 29.34 -24.52 7.43
N ASP A 185 29.80 -25.48 6.64
CA ASP A 185 31.25 -25.62 6.36
C ASP A 185 31.72 -24.38 5.59
N SER A 186 33.01 -24.16 5.51
CA SER A 186 33.52 -22.91 4.90
C SER A 186 33.22 -22.80 3.44
N ARG A 187 33.16 -23.87 2.67
CA ARG A 187 32.83 -23.76 1.27
C ARG A 187 31.34 -23.48 1.09
N GLY A 188 30.50 -24.09 1.91
CA GLY A 188 29.05 -23.80 1.84
C GLY A 188 28.81 -22.36 2.27
N ARG A 189 29.52 -21.87 3.29
CA ARG A 189 29.38 -20.46 3.69
C ARG A 189 29.78 -19.57 2.54
N ASP A 190 30.88 -19.90 1.83
CA ASP A 190 31.30 -19.04 0.68
C ASP A 190 30.31 -19.06 -0.44
N LEU A 191 29.74 -20.21 -0.77
CA LEU A 191 28.74 -20.35 -1.82
C LEU A 191 27.53 -19.49 -1.49
N LEU A 192 27.02 -19.65 -0.27
CA LEU A 192 25.85 -18.89 0.17
C LEU A 192 26.13 -17.41 0.13
N THR A 193 27.27 -17.02 0.72
CA THR A 193 27.60 -15.62 0.87
C THR A 193 27.78 -14.96 -0.51
N ASP A 194 28.46 -15.66 -1.43
CA ASP A 194 28.62 -15.10 -2.76
C ASP A 194 27.30 -14.91 -3.46
N TRP A 195 26.41 -15.87 -3.35
CA TRP A 195 25.08 -15.71 -3.98
C TRP A 195 24.37 -14.51 -3.40
N LEU A 196 24.42 -14.35 -2.07
CA LEU A 196 23.78 -13.20 -1.43
C LEU A 196 24.43 -11.87 -1.83
N LYS A 197 25.76 -11.84 -1.88
CA LYS A 197 26.47 -10.60 -2.36
C LYS A 197 26.06 -10.22 -3.74
N ARG A 198 25.68 -11.21 -4.55
CA ARG A 198 25.38 -11.04 -5.98
C ARG A 198 23.85 -10.92 -6.24
N ASN A 199 23.09 -10.71 -5.16
CA ASN A 199 21.61 -10.59 -5.33
C ASN A 199 21.32 -9.47 -6.31
N THR A 200 20.31 -9.64 -7.16
CA THR A 200 19.90 -8.66 -8.13
C THR A 200 18.62 -7.96 -7.77
N THR A 201 17.94 -8.37 -6.72
CA THR A 201 16.59 -7.82 -6.37
C THR A 201 16.55 -6.82 -5.23
N GLY A 202 17.72 -6.46 -4.68
CA GLY A 202 17.80 -5.63 -3.51
C GLY A 202 18.28 -4.18 -3.69
N ASP A 203 18.35 -3.68 -4.95
CA ASP A 203 18.97 -2.40 -5.11
C ASP A 203 18.25 -1.24 -4.48
N GLN A 204 16.95 -1.35 -4.29
CA GLN A 204 16.17 -0.24 -3.71
C GLN A 204 15.89 -0.50 -2.23
N SER A 205 16.49 -1.55 -1.64
CA SER A 205 16.19 -1.85 -0.22
C SER A 205 17.37 -1.49 0.66
N ILE A 206 17.91 -2.42 1.44
CA ILE A 206 19.05 -2.08 2.31
C ILE A 206 20.20 -1.45 1.49
N ARG A 207 20.50 -2.02 0.32
CA ARG A 207 21.62 -1.53 -0.47
C ARG A 207 21.52 -0.06 -0.83
N ALA A 208 20.31 0.45 -0.97
CA ALA A 208 20.15 1.89 -1.38
C ALA A 208 20.68 2.81 -0.33
N ALA A 209 20.79 2.40 0.91
CA ALA A 209 21.25 3.23 1.98
C ALA A 209 22.77 3.08 2.30
N VAL A 210 23.44 2.09 1.69
CA VAL A 210 24.80 1.75 2.09
C VAL A 210 25.74 2.52 1.17
N PRO A 211 26.79 3.10 1.76
CA PRO A 211 27.77 3.82 0.91
C PRO A 211 28.36 3.01 -0.19
N ALA A 212 28.68 3.72 -1.29
CA ALA A 212 29.27 3.09 -2.42
C ALA A 212 30.58 2.43 -2.10
N GLY A 213 30.69 1.24 -2.70
CA GLY A 213 31.85 0.40 -2.55
C GLY A 213 31.82 -0.60 -1.37
N TRP A 214 30.88 -0.42 -0.39
CA TRP A 214 30.87 -1.33 0.73
C TRP A 214 30.09 -2.58 0.28
N THR A 215 30.64 -3.75 0.56
CA THR A 215 29.98 -4.98 0.11
C THR A 215 28.78 -5.29 0.97
N VAL A 216 27.69 -5.71 0.28
CA VAL A 216 26.47 -6.14 0.95
C VAL A 216 26.04 -7.48 0.43
N ALA A 217 25.66 -8.35 1.37
CA ALA A 217 25.00 -9.62 1.07
C ALA A 217 23.56 -9.48 1.49
N ASP A 218 22.58 -9.73 0.65
CA ASP A 218 21.20 -9.54 1.14
C ASP A 218 20.25 -10.50 0.44
N LYS A 219 19.09 -10.66 1.07
CA LYS A 219 17.95 -11.37 0.46
C LYS A 219 16.68 -10.62 0.79
N THR A 220 15.91 -10.27 -0.26
CA THR A 220 14.63 -9.59 -0.13
C THR A 220 13.47 -10.55 -0.02
N GLY A 221 12.32 -9.99 0.41
CA GLY A 221 11.08 -10.69 0.28
C GLY A 221 9.92 -9.72 0.14
N GLY A 222 8.82 -10.17 -0.46
CA GLY A 222 7.65 -9.30 -0.57
C GLY A 222 6.42 -10.13 -0.67
N GLY A 223 5.30 -9.58 -0.24
CA GLY A 223 4.04 -10.24 -0.24
C GLY A 223 3.06 -9.64 -1.21
N PHE A 224 1.83 -10.08 -1.11
CA PHE A 224 0.75 -9.60 -1.98
C PHE A 224 0.02 -8.36 -1.51
N LYS A 225 0.26 -7.96 -0.27
CA LYS A 225 -0.36 -6.80 0.35
C LYS A 225 0.71 -5.79 0.81
N GLY A 226 1.73 -5.65 -0.02
CA GLY A 226 2.73 -4.62 0.23
C GLY A 226 3.79 -4.98 1.26
N GLU A 227 3.71 -6.15 1.84
CA GLU A 227 4.73 -6.59 2.82
C GLU A 227 6.08 -6.60 2.10
N THR A 228 7.09 -6.03 2.76
CA THR A 228 8.41 -5.91 2.14
C THR A 228 9.47 -6.09 3.16
N ASN A 229 10.36 -7.00 2.84
CA ASN A 229 11.45 -7.39 3.79
C ASN A 229 12.83 -7.36 3.14
N ASP A 230 13.86 -7.22 3.97
CA ASP A 230 15.24 -7.43 3.50
C ASP A 230 16.08 -7.82 4.71
N ILE A 231 17.00 -8.79 4.51
CA ILE A 231 17.98 -9.15 5.52
C ILE A 231 19.37 -9.06 4.92
N ALA A 232 20.37 -8.61 5.67
CA ALA A 232 21.65 -8.33 5.04
C ALA A 232 22.80 -8.43 5.98
N VAL A 233 23.96 -8.68 5.41
CA VAL A 233 25.26 -8.41 6.06
C VAL A 233 25.96 -7.35 5.26
N ILE A 234 26.53 -6.37 5.97
CA ILE A 234 27.20 -5.25 5.39
C ILE A 234 28.64 -5.21 5.93
N TRP A 235 29.59 -5.09 5.01
CA TRP A 235 31.04 -5.01 5.37
C TRP A 235 31.63 -3.62 5.16
N PRO A 236 31.62 -2.81 6.20
CA PRO A 236 32.27 -1.45 5.99
C PRO A 236 33.77 -1.66 5.94
N PRO A 237 34.50 -0.80 5.21
CA PRO A 237 35.94 -0.90 5.32
C PRO A 237 36.50 -0.69 6.68
N GLY A 238 37.49 -1.52 7.04
CA GLY A 238 38.27 -1.30 8.24
C GLY A 238 37.62 -1.60 9.58
N ARG A 239 36.46 -2.26 9.54
CA ARG A 239 35.73 -2.59 10.78
C ARG A 239 34.93 -3.90 10.55
N ALA A 240 34.39 -4.41 11.63
CA ALA A 240 33.61 -5.67 11.62
C ALA A 240 32.27 -5.45 10.93
N PRO A 241 31.73 -6.54 10.36
CA PRO A 241 30.45 -6.38 9.67
C PRO A 241 29.25 -6.18 10.54
N ILE A 242 28.20 -5.67 9.92
CA ILE A 242 26.89 -5.42 10.52
C ILE A 242 25.89 -6.44 9.92
N VAL A 243 25.02 -7.00 10.77
CA VAL A 243 23.98 -7.91 10.30
C VAL A 243 22.67 -7.29 10.67
N MET A 244 21.68 -7.29 9.72
CA MET A 244 20.45 -6.64 10.05
C MET A 244 19.26 -7.22 9.30
N ALA A 245 18.07 -6.92 9.83
CA ALA A 245 16.81 -7.33 9.18
C ALA A 245 15.87 -6.16 9.33
N VAL A 246 15.13 -5.92 8.27
CA VAL A 246 14.04 -4.93 8.25
C VAL A 246 12.83 -5.60 7.59
N LEU A 247 11.74 -5.73 8.36
CA LEU A 247 10.53 -6.39 7.90
C LEU A 247 9.42 -5.36 7.98
N THR A 248 8.59 -5.26 6.96
CA THR A 248 7.57 -4.20 6.95
C THR A 248 6.23 -4.72 6.52
N VAL A 249 5.15 -4.22 7.16
CA VAL A 249 3.77 -4.54 6.77
C VAL A 249 2.96 -3.25 6.75
N PRO A 250 2.64 -2.77 5.57
CA PRO A 250 1.87 -1.45 5.46
C PRO A 250 0.42 -1.75 5.83
N GLU A 251 -0.19 -0.76 6.48
CA GLU A 251 -1.65 -0.81 6.64
C GLU A 251 -2.34 -0.73 5.31
N ASP A 252 -1.80 -0.01 4.36
CA ASP A 252 -2.34 0.13 3.04
C ASP A 252 -1.86 -1.04 2.19
N PRO A 253 -2.75 -1.98 1.78
CA PRO A 253 -2.32 -3.25 1.13
C PRO A 253 -1.79 -3.06 -0.29
N THR A 254 -2.02 -1.88 -0.87
CA THR A 254 -1.49 -1.56 -2.18
C THR A 254 -0.27 -0.67 -2.16
N SER A 255 0.26 -0.43 -0.97
CA SER A 255 1.39 0.45 -0.81
C SER A 255 2.61 -0.05 -1.56
N THR A 256 3.32 0.86 -2.19
CA THR A 256 4.65 0.58 -2.75
C THR A 256 5.76 1.24 -1.88
N LYS A 257 5.47 1.63 -0.68
CA LYS A 257 6.44 2.33 0.18
C LYS A 257 7.41 1.41 0.92
N GLY A 258 7.20 0.10 0.82
CA GLY A 258 8.04 -0.80 1.59
C GLY A 258 9.55 -0.61 1.32
N LYS A 259 9.97 -0.64 0.04
CA LYS A 259 11.40 -0.55 -0.25
C LYS A 259 12.03 0.78 0.25
N PRO A 260 11.45 1.95 -0.05
CA PRO A 260 12.06 3.18 0.47
C PRO A 260 12.01 3.25 1.93
N THR A 261 11.03 2.62 2.61
CA THR A 261 10.97 2.56 4.03
C THR A 261 12.13 1.70 4.61
N ILE A 262 12.40 0.58 3.95
CA ILE A 262 13.57 -0.23 4.32
C ILE A 262 14.85 0.62 4.23
N ALA A 263 15.00 1.33 3.11
CA ALA A 263 16.24 2.16 2.96
C ALA A 263 16.29 3.19 4.02
N ALA A 264 15.16 3.81 4.37
CA ALA A 264 15.17 4.83 5.44
C ALA A 264 15.53 4.24 6.78
N ALA A 265 15.00 3.05 7.09
CA ALA A 265 15.38 2.41 8.33
C ALA A 265 16.87 2.08 8.37
N THR A 266 17.39 1.64 7.22
CA THR A 266 18.83 1.33 7.12
C THR A 266 19.67 2.52 7.39
N ARG A 267 19.26 3.66 6.87
CA ARG A 267 20.05 4.91 7.13
C ARG A 267 20.07 5.22 8.63
N ILE A 268 18.96 5.00 9.32
CA ILE A 268 18.89 5.15 10.77
C ILE A 268 19.87 4.23 11.46
N VAL A 269 19.85 2.93 11.06
CA VAL A 269 20.72 1.98 11.62
C VAL A 269 22.17 2.33 11.40
N LEU A 270 22.52 2.64 10.14
CA LEU A 270 23.94 2.95 9.84
C LEU A 270 24.41 4.13 10.63
N ARG A 271 23.57 5.13 10.76
CA ARG A 271 23.97 6.30 11.59
C ARG A 271 24.16 5.93 13.02
N ALA A 272 23.32 5.06 13.57
CA ALA A 272 23.53 4.59 14.93
C ALA A 272 24.86 3.89 15.12
N PHE A 273 25.28 3.16 14.09
CA PHE A 273 26.54 2.40 14.10
C PHE A 273 27.71 3.23 13.55
N GLY A 274 27.51 4.54 13.41
CA GLY A 274 28.69 5.41 13.05
C GLY A 274 29.20 5.22 11.67
N ALA A 275 28.26 4.92 10.76
CA ALA A 275 28.54 4.51 9.34
C ALA A 275 27.55 5.20 8.40
N MET B 16 -15.69 -12.06 -12.61
CA MET B 16 -14.67 -12.22 -11.50
C MET B 16 -14.65 -11.00 -10.57
N ALA B 17 -14.71 -9.79 -11.09
CA ALA B 17 -14.67 -8.61 -10.19
C ALA B 17 -15.83 -8.61 -9.21
N PRO B 18 -17.06 -8.84 -9.67
CA PRO B 18 -18.16 -8.88 -8.68
C PRO B 18 -17.94 -9.91 -7.56
N ASP B 19 -17.41 -11.09 -7.91
CA ASP B 19 -17.06 -12.06 -6.90
C ASP B 19 -15.94 -11.60 -5.97
N GLU B 20 -14.93 -10.94 -6.52
CA GLU B 20 -13.83 -10.44 -5.71
C GLU B 20 -14.33 -9.35 -4.74
N LEU B 21 -15.24 -8.51 -5.22
CA LEU B 21 -15.80 -7.45 -4.41
C LEU B 21 -16.64 -8.04 -3.28
N ALA B 22 -17.39 -9.09 -3.60
CA ALA B 22 -18.15 -9.76 -2.56
C ALA B 22 -17.31 -10.36 -1.51
N SER B 23 -16.20 -10.96 -1.91
CA SER B 23 -15.25 -11.52 -0.99
C SER B 23 -14.55 -10.47 -0.11
N LEU B 24 -14.23 -9.29 -0.72
CA LEU B 24 -13.68 -8.20 -0.01
C LEU B 24 -14.67 -7.70 1.07
N GLU B 25 -15.93 -7.59 0.69
CA GLU B 25 -16.94 -7.16 1.62
C GLU B 25 -16.99 -8.08 2.84
N LYS B 26 -16.93 -9.39 2.59
CA LYS B 26 -16.93 -10.36 3.70
C LYS B 26 -15.72 -10.15 4.60
N ASP B 27 -14.53 -9.88 4.04
CA ASP B 27 -13.35 -9.64 4.86
C ASP B 27 -13.43 -8.33 5.67
N PHE B 28 -14.09 -7.30 5.07
CA PHE B 28 -14.25 -6.04 5.69
C PHE B 28 -15.21 -6.10 6.88
N GLY B 29 -16.27 -6.87 6.79
CA GLY B 29 -17.30 -6.92 7.82
C GLY B 29 -18.20 -5.69 7.76
N GLY B 30 -18.94 -5.58 6.69
CA GLY B 30 -19.78 -4.40 6.52
C GLY B 30 -20.38 -4.40 5.13
N ARG B 31 -20.73 -3.21 4.66
CA ARG B 31 -21.33 -3.06 3.37
C ARG B 31 -20.41 -2.12 2.55
N ILE B 32 -20.13 -2.55 1.36
CA ILE B 32 -19.35 -1.74 0.43
C ILE B 32 -20.18 -1.48 -0.81
N GLY B 33 -20.09 -0.26 -1.39
CA GLY B 33 -20.75 0.04 -2.59
C GLY B 33 -19.77 0.56 -3.61
N VAL B 34 -19.74 -0.09 -4.78
CA VAL B 34 -18.74 0.22 -5.85
C VAL B 34 -19.45 0.44 -7.12
N TYR B 35 -19.06 1.47 -7.89
CA TYR B 35 -19.40 1.57 -9.25
C TYR B 35 -18.21 2.18 -9.98
N ALA B 36 -17.93 1.68 -11.18
CA ALA B 36 -16.80 2.19 -11.92
C ALA B 36 -17.14 2.08 -13.40
N LEU B 37 -16.76 3.11 -14.15
CA LEU B 37 -16.98 3.21 -15.60
C LEU B 37 -15.65 3.50 -16.29
N ASP B 38 -15.29 2.70 -17.31
CA ASP B 38 -14.14 3.01 -18.20
C ASP B 38 -14.68 3.74 -19.36
N THR B 39 -14.40 5.05 -19.46
CA THR B 39 -15.02 5.89 -20.46
C THR B 39 -14.51 5.60 -21.89
N GLY B 40 -13.48 4.83 -21.99
CA GLY B 40 -12.94 4.40 -23.29
C GLY B 40 -13.66 3.22 -23.84
N SER B 41 -13.64 2.13 -23.11
CA SER B 41 -14.38 0.93 -23.57
C SER B 41 -15.84 0.93 -23.30
N GLY B 42 -16.31 1.64 -22.25
CA GLY B 42 -17.69 1.58 -21.77
C GLY B 42 -17.93 0.48 -20.73
N ASP B 43 -16.90 -0.29 -20.41
CA ASP B 43 -17.01 -1.36 -19.41
C ASP B 43 -17.35 -0.75 -18.04
N THR B 44 -18.07 -1.52 -17.25
CA THR B 44 -18.49 -1.14 -15.88
C THR B 44 -18.32 -2.27 -14.93
N VAL B 45 -18.07 -1.93 -13.66
CA VAL B 45 -18.00 -2.88 -12.58
C VAL B 45 -18.91 -2.30 -11.53
N GLY B 46 -19.67 -3.14 -10.84
CA GLY B 46 -20.48 -2.61 -9.75
C GLY B 46 -20.76 -3.67 -8.67
N HIS B 47 -20.95 -3.21 -7.46
CA HIS B 47 -21.32 -4.03 -6.33
C HIS B 47 -22.16 -3.11 -5.43
N ARG B 48 -23.46 -3.47 -5.24
CA ARG B 48 -24.36 -2.58 -4.51
C ARG B 48 -24.44 -1.17 -5.12
N ALA B 49 -24.34 -1.09 -6.44
CA ALA B 49 -24.18 0.22 -7.10
C ALA B 49 -25.37 1.13 -6.95
N ASP B 50 -26.54 0.49 -6.66
CA ASP B 50 -27.77 1.22 -6.57
C ASP B 50 -28.25 1.37 -5.12
N GLU B 51 -27.45 1.04 -4.11
CA GLU B 51 -27.80 1.17 -2.68
C GLU B 51 -27.38 2.54 -2.18
N ARG B 52 -28.14 3.05 -1.23
CA ARG B 52 -27.80 4.31 -0.60
C ARG B 52 -26.73 4.23 0.47
N PHE B 53 -25.88 5.25 0.48
CA PHE B 53 -24.83 5.46 1.47
C PHE B 53 -24.78 6.95 1.79
N LEU B 54 -24.36 7.30 2.99
CA LEU B 54 -24.03 8.74 3.25
C LEU B 54 -22.96 9.17 2.27
N MET B 55 -23.10 10.35 1.71
CA MET B 55 -21.96 10.88 0.92
C MET B 55 -20.79 11.34 1.81
N CYS B 56 -21.06 11.74 3.06
CA CYS B 56 -20.11 12.40 3.96
C CYS B 56 -19.46 13.54 3.10
N SER B 57 -18.17 13.81 3.24
CA SER B 57 -17.55 14.99 2.63
C SER B 57 -17.42 14.86 1.14
N THR B 58 -17.77 13.72 0.52
CA THR B 58 -17.71 13.70 -0.92
C THR B 58 -18.69 14.73 -1.52
N VAL B 59 -19.70 15.16 -0.78
CA VAL B 59 -20.65 16.16 -1.23
C VAL B 59 -19.92 17.49 -1.49
N LYS B 60 -18.76 17.73 -0.89
CA LYS B 60 -18.04 19.01 -1.12
C LYS B 60 -17.76 19.17 -2.59
N THR B 61 -17.64 18.07 -3.35
CA THR B 61 -17.49 18.18 -4.79
C THR B 61 -18.64 18.98 -5.46
N PHE B 62 -19.85 18.71 -5.01
CA PHE B 62 -21.04 19.32 -5.55
C PHE B 62 -21.27 20.68 -4.98
N ILE B 63 -20.89 20.92 -3.72
CA ILE B 63 -20.97 22.28 -3.14
C ILE B 63 -20.10 23.25 -3.95
N VAL B 64 -18.88 22.85 -4.16
CA VAL B 64 -17.96 23.68 -4.94
C VAL B 64 -18.43 23.81 -6.38
N SER B 65 -18.95 22.74 -7.00
CA SER B 65 -19.48 22.87 -8.32
C SER B 65 -20.62 23.85 -8.38
N ALA B 66 -21.47 23.83 -7.37
CA ALA B 66 -22.56 24.78 -7.33
C ALA B 66 -22.03 26.23 -7.21
N ILE B 67 -21.00 26.44 -6.44
CA ILE B 67 -20.33 27.76 -6.30
C ILE B 67 -19.76 28.17 -7.67
N LEU B 68 -19.16 27.25 -8.41
CA LEU B 68 -18.63 27.54 -9.76
C LEU B 68 -19.72 27.85 -10.72
N ARG B 69 -20.87 27.20 -10.64
CA ARG B 69 -22.03 27.58 -11.43
C ARG B 69 -22.59 28.96 -11.00
N ARG B 70 -22.63 29.27 -9.69
CA ARG B 70 -23.11 30.53 -9.18
C ARG B 70 -22.23 31.70 -9.73
N ARG B 71 -20.95 31.46 -9.94
CA ARG B 71 -20.02 32.53 -10.38
C ARG B 71 -20.46 33.00 -11.74
N LEU B 72 -21.18 32.17 -12.48
CA LEU B 72 -21.51 32.53 -13.83
C LEU B 72 -22.61 33.56 -13.90
N SER B 73 -23.31 33.73 -12.77
CA SER B 73 -24.33 34.80 -12.51
C SER B 73 -23.79 35.96 -11.72
N GLU B 74 -22.63 35.85 -11.12
CA GLU B 74 -22.13 36.80 -10.16
C GLU B 74 -20.71 37.09 -10.42
N PRO B 75 -20.48 38.15 -11.23
CA PRO B 75 -19.12 38.44 -11.57
C PRO B 75 -18.20 38.71 -10.41
N GLY B 76 -17.04 38.06 -10.41
CA GLY B 76 -16.07 38.23 -9.37
C GLY B 76 -16.32 37.50 -8.07
N LEU B 77 -17.30 36.63 -8.07
CA LEU B 77 -17.61 35.79 -6.86
C LEU B 77 -16.40 35.17 -6.28
N LEU B 78 -15.55 34.56 -7.11
CA LEU B 78 -14.38 33.87 -6.57
C LEU B 78 -13.40 34.72 -5.81
N ASP B 79 -13.35 36.02 -6.18
CA ASP B 79 -12.46 36.96 -5.53
C ASP B 79 -13.06 37.66 -4.32
N GLN B 80 -14.32 37.44 -4.04
CA GLN B 80 -14.91 37.98 -2.84
C GLN B 80 -14.32 37.40 -1.57
N ARG B 81 -14.19 38.27 -0.54
CA ARG B 81 -13.66 37.84 0.73
C ARG B 81 -14.78 37.67 1.72
N ILE B 82 -14.87 36.48 2.29
CA ILE B 82 -15.84 36.14 3.35
C ILE B 82 -15.18 36.27 4.69
N GLN B 83 -15.85 37.03 5.58
CA GLN B 83 -15.40 37.22 6.93
C GLN B 83 -16.27 36.34 7.84
N TYR B 84 -15.63 35.75 8.85
CA TYR B 84 -16.31 34.84 9.72
C TYR B 84 -15.74 34.88 11.12
N THR B 85 -16.27 34.03 12.03
CA THR B 85 -15.89 34.08 13.43
C THR B 85 -15.39 32.75 13.91
N GLN B 86 -14.89 32.71 15.13
CA GLN B 86 -14.45 31.49 15.72
C GLN B 86 -15.60 30.55 15.86
N SER B 87 -16.83 31.01 16.03
CA SER B 87 -17.96 30.11 16.13
C SER B 87 -18.27 29.38 14.82
N ASP B 88 -17.81 29.93 13.71
CA ASP B 88 -17.91 29.19 12.44
C ASP B 88 -16.89 28.08 12.28
N VAL B 89 -15.79 28.16 12.96
CA VAL B 89 -14.64 27.22 12.86
C VAL B 89 -14.97 25.94 13.59
N LEU B 90 -14.93 24.80 12.88
CA LEU B 90 -15.23 23.49 13.42
C LEU B 90 -13.96 22.75 13.80
N GLU B 91 -14.10 21.56 14.31
CA GLU B 91 -12.94 20.84 14.82
C GLU B 91 -11.94 20.43 13.69
N TRP B 92 -12.45 20.11 12.50
CA TRP B 92 -11.62 19.88 11.32
C TRP B 92 -11.76 21.01 10.33
N ALA B 93 -10.88 21.97 10.47
CA ALA B 93 -10.89 23.17 9.69
C ALA B 93 -9.46 23.67 9.56
N PRO B 94 -8.65 22.84 8.83
CA PRO B 94 -7.22 23.07 8.91
C PRO B 94 -6.77 24.38 8.29
N ILE B 95 -7.47 24.91 7.29
CA ILE B 95 -7.11 26.15 6.66
C ILE B 95 -7.92 27.31 7.24
N THR B 96 -9.26 27.16 7.34
CA THR B 96 -10.09 28.24 7.77
C THR B 96 -9.81 28.62 9.26
N SER B 97 -9.38 27.66 10.07
CA SER B 97 -9.03 27.91 11.50
C SER B 97 -7.89 28.94 11.55
N GLN B 98 -7.09 29.08 10.51
CA GLN B 98 -5.97 30.03 10.50
C GLN B 98 -6.28 31.38 9.92
N HIS B 99 -7.52 31.60 9.49
CA HIS B 99 -7.95 32.80 8.85
C HIS B 99 -9.17 33.49 9.41
N VAL B 100 -9.46 33.27 10.71
CA VAL B 100 -10.53 33.99 11.37
C VAL B 100 -10.25 35.50 11.37
N SER B 101 -8.99 35.86 11.61
CA SER B 101 -8.71 37.30 11.61
C SER B 101 -8.73 37.91 10.21
N THR B 102 -8.33 37.18 9.19
CA THR B 102 -8.16 37.73 7.84
C THR B 102 -9.36 37.63 6.89
N GLY B 103 -10.18 36.59 7.17
CA GLY B 103 -11.21 36.15 6.19
C GLY B 103 -10.50 35.39 5.09
N MET B 104 -11.29 34.87 4.17
CA MET B 104 -10.77 34.13 2.99
C MET B 104 -11.56 34.45 1.78
N THR B 105 -10.88 34.40 0.62
CA THR B 105 -11.57 34.53 -0.60
C THR B 105 -12.39 33.25 -0.91
N VAL B 106 -13.46 33.44 -1.63
CA VAL B 106 -14.28 32.29 -2.09
C VAL B 106 -13.45 31.25 -2.81
N SER B 107 -12.56 31.65 -3.71
CA SER B 107 -11.71 30.74 -4.36
C SER B 107 -10.88 29.91 -3.38
N GLU B 108 -10.26 30.58 -2.38
CA GLU B 108 -9.48 29.88 -1.44
C GLU B 108 -10.27 29.01 -0.50
N LEU B 109 -11.50 29.38 -0.27
CA LEU B 109 -12.41 28.50 0.46
C LEU B 109 -12.71 27.26 -0.35
N CYS B 110 -12.90 27.39 -1.65
CA CYS B 110 -13.15 26.19 -2.50
C CYS B 110 -11.92 25.29 -2.48
N ASP B 111 -10.71 25.91 -2.65
CA ASP B 111 -9.49 25.16 -2.52
C ASP B 111 -9.36 24.35 -1.22
N ALA B 112 -9.58 25.03 -0.06
CA ALA B 112 -9.46 24.38 1.23
C ALA B 112 -10.52 23.27 1.38
N THR B 113 -11.73 23.57 0.94
CA THR B 113 -12.87 22.61 1.05
C THR B 113 -12.58 21.32 0.31
N LEU B 114 -12.03 21.43 -0.89
CA LEU B 114 -11.74 20.24 -1.63
C LEU B 114 -10.41 19.61 -1.26
N ARG B 115 -9.37 20.43 -1.12
CA ARG B 115 -8.01 19.79 -0.94
C ARG B 115 -7.68 19.34 0.43
N TYR B 116 -8.28 19.97 1.46
CA TYR B 116 -8.14 19.63 2.84
C TYR B 116 -9.40 19.18 3.51
N SER B 117 -10.49 19.06 2.75
CA SER B 117 -11.77 18.68 3.33
C SER B 117 -12.20 19.62 4.48
N ASP B 118 -11.91 20.91 4.32
CA ASP B 118 -12.14 21.87 5.41
C ASP B 118 -13.65 22.01 5.64
N ASN B 119 -14.11 21.65 6.84
CA ASN B 119 -15.57 21.60 7.13
C ASN B 119 -16.18 22.97 7.21
N THR B 120 -15.44 23.92 7.78
CA THR B 120 -15.88 25.30 7.84
C THR B 120 -15.92 25.91 6.45
N GLY B 121 -14.92 25.60 5.59
CA GLY B 121 -14.93 26.02 4.21
C GLY B 121 -16.24 25.62 3.54
N ALA B 122 -16.63 24.36 3.74
CA ALA B 122 -17.87 23.89 3.14
C ALA B 122 -19.09 24.62 3.65
N ASN B 123 -19.16 24.84 4.97
CA ASN B 123 -20.30 25.49 5.51
C ASN B 123 -20.41 26.97 5.10
N LEU B 124 -19.27 27.67 4.98
CA LEU B 124 -19.32 29.06 4.49
C LEU B 124 -19.80 29.14 3.08
N LEU B 125 -19.38 28.14 2.28
CA LEU B 125 -19.89 28.07 0.94
C LEU B 125 -21.34 27.71 0.82
N ILE B 126 -21.82 26.78 1.66
CA ILE B 126 -23.26 26.54 1.74
C ILE B 126 -24.04 27.81 2.09
N THR B 127 -23.56 28.56 3.06
CA THR B 127 -24.20 29.82 3.43
C THR B 127 -24.23 30.74 2.21
N GLN B 128 -23.10 30.90 1.52
CA GLN B 128 -23.07 31.77 0.34
C GLN B 128 -24.07 31.31 -0.70
N LEU B 129 -24.22 29.99 -0.93
CA LEU B 129 -25.28 29.51 -1.82
C LEU B 129 -26.71 29.74 -1.41
N GLY B 130 -26.96 29.73 -0.12
CA GLY B 130 -28.31 29.86 0.38
C GLY B 130 -28.84 28.68 1.13
N GLY B 131 -28.00 27.72 1.47
CA GLY B 131 -28.40 26.58 2.32
C GLY B 131 -28.16 25.25 1.61
N PRO B 132 -28.29 24.13 2.38
CA PRO B 132 -27.98 22.80 1.79
C PRO B 132 -28.79 22.41 0.59
N LYS B 133 -30.06 22.81 0.50
CA LYS B 133 -30.85 22.45 -0.64
C LYS B 133 -30.48 23.17 -1.94
N GLU B 134 -29.66 24.21 -1.85
CA GLU B 134 -29.12 24.82 -3.08
C GLU B 134 -28.21 23.87 -3.86
N THR B 135 -27.42 23.08 -3.12
CA THR B 135 -26.58 22.07 -3.81
C THR B 135 -27.44 21.01 -4.43
N GLU B 136 -28.53 20.66 -3.75
CA GLU B 136 -29.47 19.68 -4.29
C GLU B 136 -30.12 20.17 -5.56
N LYS B 137 -30.52 21.43 -5.54
CA LYS B 137 -31.01 22.05 -6.77
C LYS B 137 -30.02 21.96 -7.95
N PHE B 138 -28.73 22.18 -7.62
CA PHE B 138 -27.73 22.06 -8.61
C PHE B 138 -27.66 20.66 -9.22
N VAL B 139 -27.60 19.63 -8.38
CA VAL B 139 -27.52 18.29 -8.95
C VAL B 139 -28.79 17.89 -9.67
N ARG B 140 -29.93 18.38 -9.19
CA ARG B 140 -31.18 18.13 -9.88
C ARG B 140 -31.11 18.68 -11.31
N SER B 141 -30.46 19.81 -11.45
CA SER B 141 -30.30 20.44 -12.77
C SER B 141 -29.45 19.60 -13.70
N LEU B 142 -28.61 18.70 -13.19
CA LEU B 142 -27.84 17.81 -14.01
C LEU B 142 -28.61 16.57 -14.41
N GLY B 143 -29.81 16.38 -13.86
CA GLY B 143 -30.59 15.17 -14.07
C GLY B 143 -30.43 14.13 -12.98
N ASP B 144 -29.78 14.51 -11.87
CA ASP B 144 -29.68 13.56 -10.71
C ASP B 144 -30.95 13.76 -9.88
N ASN B 145 -31.77 12.72 -9.89
CA ASN B 145 -32.97 12.65 -9.06
C ASN B 145 -32.86 11.73 -7.88
N VAL B 146 -31.67 11.23 -7.59
CA VAL B 146 -31.41 10.29 -6.48
C VAL B 146 -30.77 10.95 -5.26
N THR B 147 -29.73 11.75 -5.46
CA THR B 147 -28.98 12.33 -4.37
C THR B 147 -29.84 13.32 -3.62
N ARG B 148 -29.63 13.42 -2.30
CA ARG B 148 -30.24 14.51 -1.51
C ARG B 148 -29.21 15.11 -0.60
N MET B 149 -29.36 16.41 -0.36
CA MET B 149 -28.56 17.14 0.58
C MET B 149 -29.46 17.85 1.54
N ASP B 150 -29.11 17.77 2.81
CA ASP B 150 -30.06 18.19 3.89
C ASP B 150 -29.39 19.00 5.01
N ARG B 151 -28.16 18.62 5.35
CA ARG B 151 -27.48 19.14 6.50
C ARG B 151 -26.15 19.76 6.19
N THR B 152 -25.55 20.48 7.11
CA THR B 152 -24.22 21.07 6.98
C THR B 152 -23.20 20.18 7.59
N GLU B 153 -21.93 20.52 7.54
CA GLU B 153 -20.90 19.84 8.38
C GLU B 153 -21.06 20.27 9.82
N VAL B 154 -20.90 19.37 10.82
CA VAL B 154 -20.53 18.00 10.66
C VAL B 154 -21.76 17.03 10.77
N GLN B 155 -22.97 17.53 10.88
CA GLN B 155 -24.12 16.66 11.07
C GLN B 155 -24.42 15.83 9.83
N LEU B 156 -24.01 16.26 8.62
CA LEU B 156 -24.22 15.48 7.44
C LEU B 156 -23.49 14.12 7.50
N ASN B 157 -22.53 13.94 8.37
CA ASN B 157 -21.84 12.66 8.56
C ASN B 157 -22.52 11.68 9.49
N ILE B 158 -23.70 11.99 9.99
CA ILE B 158 -24.37 11.18 10.99
C ILE B 158 -25.54 10.52 10.31
N PRO B 159 -25.63 9.21 10.31
CA PRO B 159 -26.76 8.61 9.64
C PRO B 159 -28.06 8.99 10.25
N ASP B 160 -29.05 9.35 9.46
CA ASP B 160 -30.31 9.85 10.01
C ASP B 160 -31.30 9.67 8.87
N GLY B 161 -32.08 8.60 8.90
CA GLY B 161 -32.92 8.29 7.77
C GLY B 161 -32.06 8.19 6.51
N ASP B 162 -32.57 8.70 5.41
CA ASP B 162 -31.80 8.79 4.18
C ASP B 162 -31.24 10.19 3.89
N LEU B 163 -31.18 11.03 4.91
CA LEU B 163 -30.60 12.36 4.71
C LEU B 163 -29.16 12.28 4.19
N ASP B 164 -28.83 13.18 3.29
CA ASP B 164 -27.46 13.36 2.80
C ASP B 164 -26.86 12.04 2.23
N THR B 165 -27.67 11.35 1.42
CA THR B 165 -27.32 10.11 0.78
C THR B 165 -27.25 10.20 -0.74
N SER B 166 -26.50 9.28 -1.33
CA SER B 166 -26.55 9.01 -2.76
C SER B 166 -26.22 7.58 -2.99
N THR B 167 -25.99 7.16 -4.22
CA THR B 167 -25.58 5.80 -4.53
C THR B 167 -24.25 5.87 -5.28
N PRO B 168 -23.50 4.75 -5.28
CA PRO B 168 -22.27 4.73 -6.06
C PRO B 168 -22.41 5.05 -7.51
N GLN B 169 -23.43 4.51 -8.19
CA GLN B 169 -23.62 4.82 -9.57
C GLN B 169 -24.05 6.25 -9.83
N GLN B 170 -24.81 6.86 -8.91
CA GLN B 170 -25.19 8.22 -9.13
C GLN B 170 -23.97 9.17 -8.99
N LEU B 171 -23.14 8.89 -8.01
CA LEU B 171 -21.97 9.75 -7.75
C LEU B 171 -21.04 9.64 -8.97
N VAL B 172 -20.93 8.47 -9.61
CA VAL B 172 -20.10 8.36 -10.83
C VAL B 172 -20.72 9.16 -11.95
N ALA B 173 -22.03 9.05 -12.14
CA ALA B 173 -22.68 9.80 -13.21
C ALA B 173 -22.42 11.28 -13.03
N ASN B 174 -22.53 11.79 -11.81
CA ASN B 174 -22.32 13.23 -11.54
C ASN B 174 -20.89 13.64 -11.70
N LEU B 175 -19.96 12.81 -11.23
CA LEU B 175 -18.55 13.15 -11.34
C LEU B 175 -18.14 13.16 -12.81
N ARG B 176 -18.61 12.21 -13.61
CA ARG B 176 -18.32 12.24 -15.00
C ARG B 176 -18.86 13.48 -15.68
N ARG B 177 -20.07 13.86 -15.36
CA ARG B 177 -20.67 15.04 -15.92
C ARG B 177 -19.89 16.31 -15.62
N LEU B 178 -19.36 16.46 -14.40
CA LEU B 178 -18.73 17.64 -13.95
C LEU B 178 -17.28 17.73 -14.36
N VAL B 179 -16.57 16.61 -14.27
CA VAL B 179 -15.15 16.63 -14.57
C VAL B 179 -14.87 16.43 -16.05
N LEU B 180 -15.67 15.65 -16.72
CA LEU B 180 -15.35 15.30 -18.09
C LEU B 180 -16.25 15.95 -19.08
N ASP B 181 -17.52 16.03 -18.81
CA ASP B 181 -18.50 16.57 -19.74
C ASP B 181 -18.90 18.02 -19.40
N GLU B 182 -20.14 18.40 -19.64
CA GLU B 182 -20.47 19.81 -19.59
C GLU B 182 -21.44 20.26 -18.48
N GLY B 183 -21.36 19.62 -17.30
CA GLY B 183 -22.13 20.08 -16.15
C GLY B 183 -21.72 21.51 -15.74
N LEU B 184 -20.44 21.89 -15.98
CA LEU B 184 -19.95 23.20 -15.77
C LEU B 184 -19.49 23.77 -17.14
N ASP B 185 -19.24 25.08 -17.14
CA ASP B 185 -18.57 25.72 -18.27
C ASP B 185 -17.13 25.21 -18.30
N SER B 186 -16.42 25.40 -19.42
CA SER B 186 -15.10 24.86 -19.57
C SER B 186 -14.11 25.35 -18.53
N ARG B 187 -14.12 26.61 -18.24
CA ARG B 187 -13.24 27.20 -17.26
C ARG B 187 -13.59 26.70 -15.81
N GLY B 188 -14.86 26.54 -15.54
CA GLY B 188 -15.26 26.01 -14.25
C GLY B 188 -14.92 24.54 -14.09
N ARG B 189 -15.06 23.77 -15.16
CA ARG B 189 -14.61 22.41 -15.18
C ARG B 189 -13.12 22.31 -14.84
N ASP B 190 -12.33 23.17 -15.45
CA ASP B 190 -10.91 23.15 -15.16
C ASP B 190 -10.60 23.52 -13.70
N LEU B 191 -11.30 24.53 -13.14
CA LEU B 191 -11.09 24.93 -11.75
C LEU B 191 -11.42 23.74 -10.80
N LEU B 192 -12.60 23.13 -11.01
CA LEU B 192 -13.01 21.99 -10.18
C LEU B 192 -12.00 20.85 -10.29
N THR B 193 -11.67 20.52 -11.54
CA THR B 193 -10.80 19.35 -11.78
C THR B 193 -9.42 19.58 -11.18
N ASP B 194 -8.86 20.76 -11.37
CA ASP B 194 -7.55 21.02 -10.77
C ASP B 194 -7.59 20.85 -9.24
N TRP B 195 -8.62 21.42 -8.57
CA TRP B 195 -8.70 21.25 -7.14
C TRP B 195 -8.75 19.78 -6.75
N LEU B 196 -9.57 19.00 -7.45
CA LEU B 196 -9.65 17.60 -7.15
C LEU B 196 -8.37 16.79 -7.39
N LYS B 197 -7.69 17.17 -8.49
CA LYS B 197 -6.38 16.55 -8.80
C LYS B 197 -5.36 16.81 -7.75
N ARG B 198 -5.51 17.93 -7.07
CA ARG B 198 -4.58 18.41 -6.04
C ARG B 198 -5.04 18.01 -4.63
N ASN B 199 -6.04 17.13 -4.50
CA ASN B 199 -6.49 16.73 -3.14
C ASN B 199 -5.35 16.19 -2.28
N THR B 200 -5.29 16.55 -0.97
CA THR B 200 -4.27 16.07 -0.06
C THR B 200 -4.72 14.97 0.90
N THR B 201 -6.03 14.63 0.93
CA THR B 201 -6.61 13.73 1.92
C THR B 201 -6.79 12.29 1.41
N GLY B 202 -6.46 12.02 0.14
CA GLY B 202 -6.77 10.79 -0.48
C GLY B 202 -5.66 9.74 -0.64
N ASP B 203 -4.49 9.98 -0.05
CA ASP B 203 -3.34 9.18 -0.34
C ASP B 203 -3.47 7.73 0.05
N GLN B 204 -4.34 7.40 1.01
CA GLN B 204 -4.55 6.01 1.48
C GLN B 204 -5.84 5.44 0.87
N SER B 205 -6.51 6.18 -0.02
CA SER B 205 -7.78 5.71 -0.55
C SER B 205 -7.63 5.24 -2.04
N ILE B 206 -8.43 5.72 -2.96
CA ILE B 206 -8.33 5.30 -4.37
C ILE B 206 -6.86 5.47 -4.88
N ARG B 207 -6.29 6.63 -4.62
CA ARG B 207 -4.95 6.98 -5.10
C ARG B 207 -3.93 5.97 -4.66
N ALA B 208 -4.08 5.35 -3.49
CA ALA B 208 -3.10 4.33 -3.04
C ALA B 208 -2.96 3.16 -3.98
N ALA B 209 -3.95 2.84 -4.74
CA ALA B 209 -3.93 1.70 -5.67
C ALA B 209 -3.53 2.02 -7.08
N VAL B 210 -3.40 3.33 -7.36
CA VAL B 210 -3.07 3.79 -8.66
C VAL B 210 -1.55 3.92 -8.83
N PRO B 211 -1.01 3.41 -9.95
CA PRO B 211 0.44 3.47 -10.13
C PRO B 211 0.98 4.87 -10.18
N ALA B 212 2.24 5.01 -9.78
CA ALA B 212 2.96 6.28 -9.87
C ALA B 212 2.89 6.86 -11.29
N GLY B 213 2.64 8.16 -11.37
CA GLY B 213 2.58 8.81 -12.65
C GLY B 213 1.22 9.06 -13.22
N TRP B 214 0.23 8.30 -12.73
CA TRP B 214 -1.15 8.52 -13.23
C TRP B 214 -1.83 9.66 -12.47
N THR B 215 -2.44 10.54 -13.19
CA THR B 215 -3.14 11.65 -12.52
C THR B 215 -4.46 11.10 -11.97
N VAL B 216 -4.83 11.60 -10.81
CA VAL B 216 -6.10 11.22 -10.18
C VAL B 216 -6.76 12.49 -9.62
N ALA B 217 -8.05 12.64 -9.86
CA ALA B 217 -8.85 13.65 -9.22
C ALA B 217 -9.74 12.93 -8.22
N ASP B 218 -9.75 13.34 -6.98
CA ASP B 218 -10.62 12.61 -6.03
C ASP B 218 -11.12 13.49 -4.93
N LYS B 219 -12.17 12.98 -4.23
CA LYS B 219 -12.66 13.58 -2.98
C LYS B 219 -13.08 12.50 -2.03
N THR B 220 -12.50 12.52 -0.84
CA THR B 220 -12.74 11.54 0.23
C THR B 220 -13.90 11.99 1.10
N GLY B 221 -14.46 11.04 1.84
CA GLY B 221 -15.30 11.34 2.97
C GLY B 221 -15.20 10.29 4.04
N GLY B 222 -15.55 10.72 5.24
CA GLY B 222 -15.58 9.78 6.37
C GLY B 222 -16.53 10.20 7.45
N GLY B 223 -17.04 9.23 8.17
CA GLY B 223 -18.01 9.53 9.26
C GLY B 223 -17.40 9.27 10.62
N PHE B 224 -18.28 9.18 11.60
CA PHE B 224 -17.86 9.04 12.98
C PHE B 224 -17.84 7.61 13.44
N LYS B 225 -18.35 6.70 12.62
CA LYS B 225 -18.48 5.26 12.97
C LYS B 225 -17.73 4.43 11.91
N GLY B 226 -16.58 4.96 11.41
CA GLY B 226 -15.77 4.18 10.45
C GLY B 226 -16.25 4.21 9.00
N GLU B 227 -17.33 4.93 8.64
CA GLU B 227 -17.76 5.04 7.29
C GLU B 227 -16.66 5.77 6.48
N THR B 228 -16.33 5.22 5.30
CA THR B 228 -15.25 5.73 4.51
C THR B 228 -15.56 5.66 3.05
N ASN B 229 -15.43 6.80 2.38
CA ASN B 229 -15.81 6.96 1.01
C ASN B 229 -14.69 7.60 0.18
N ASP B 230 -14.73 7.35 -1.11
CA ASP B 230 -13.89 8.11 -2.07
C ASP B 230 -14.52 8.05 -3.41
N ILE B 231 -14.45 9.15 -4.15
CA ILE B 231 -14.90 9.24 -5.52
C ILE B 231 -13.73 9.80 -6.37
N ALA B 232 -13.52 9.25 -7.56
CA ALA B 232 -12.38 9.69 -8.34
C ALA B 232 -12.56 9.58 -9.83
N VAL B 233 -11.75 10.37 -10.52
CA VAL B 233 -11.45 10.20 -11.95
C VAL B 233 -9.95 9.88 -12.02
N ILE B 234 -9.64 8.84 -12.80
CA ILE B 234 -8.28 8.32 -12.89
C ILE B 234 -7.88 8.35 -14.39
N TRP B 235 -6.73 8.91 -14.73
CA TRP B 235 -6.26 8.99 -16.15
C TRP B 235 -5.03 8.09 -16.32
N PRO B 236 -5.22 6.88 -16.81
CA PRO B 236 -4.03 6.02 -17.04
C PRO B 236 -3.37 6.48 -18.31
N PRO B 237 -2.07 6.25 -18.41
CA PRO B 237 -1.36 6.58 -19.63
C PRO B 237 -1.95 5.91 -20.84
N GLY B 238 -2.13 6.70 -21.85
CA GLY B 238 -2.53 6.19 -23.15
C GLY B 238 -3.96 5.66 -23.15
N ARG B 239 -4.73 5.97 -22.10
CA ARG B 239 -6.15 5.60 -22.12
C ARG B 239 -7.09 6.63 -21.56
N ALA B 240 -8.34 6.43 -21.92
CA ALA B 240 -9.40 7.31 -21.47
C ALA B 240 -9.59 7.14 -19.95
N PRO B 241 -10.18 8.22 -19.37
CA PRO B 241 -10.32 8.14 -17.92
C PRO B 241 -11.33 7.08 -17.39
N ILE B 242 -11.09 6.66 -16.15
CA ILE B 242 -11.98 5.79 -15.41
C ILE B 242 -12.60 6.61 -14.27
N VAL B 243 -13.92 6.49 -14.15
CA VAL B 243 -14.65 7.26 -13.10
C VAL B 243 -15.20 6.23 -12.15
N MET B 244 -14.98 6.45 -10.86
CA MET B 244 -15.37 5.41 -9.89
C MET B 244 -15.76 5.98 -8.54
N ALA B 245 -16.51 5.19 -7.74
CA ALA B 245 -16.88 5.51 -6.38
C ALA B 245 -16.76 4.24 -5.56
N VAL B 246 -16.23 4.39 -4.37
CA VAL B 246 -16.25 3.33 -3.36
C VAL B 246 -16.74 3.92 -2.05
N LEU B 247 -17.83 3.34 -1.54
CA LEU B 247 -18.48 3.82 -0.27
C LEU B 247 -18.53 2.65 0.68
N THR B 248 -18.12 2.86 1.91
CA THR B 248 -18.00 1.73 2.87
C THR B 248 -18.65 2.07 4.19
N VAL B 249 -19.27 1.03 4.82
CA VAL B 249 -19.84 1.19 6.20
C VAL B 249 -19.53 -0.07 6.99
N PRO B 250 -18.61 0.03 7.96
CA PRO B 250 -18.29 -1.21 8.71
C PRO B 250 -19.42 -1.49 9.69
N GLU B 251 -19.64 -2.77 10.00
CA GLU B 251 -20.54 -3.08 11.13
C GLU B 251 -20.01 -2.63 12.45
N ASP B 252 -18.73 -2.71 12.65
CA ASP B 252 -18.07 -2.31 13.86
C ASP B 252 -17.71 -0.84 13.78
N PRO B 253 -18.36 0.03 14.60
CA PRO B 253 -18.08 1.49 14.53
C PRO B 253 -16.67 1.92 14.83
N THR B 254 -15.85 1.02 15.41
CA THR B 254 -14.48 1.34 15.73
C THR B 254 -13.50 0.88 14.63
N SER B 255 -14.05 0.29 13.57
CA SER B 255 -13.20 -0.19 12.50
C SER B 255 -12.39 0.85 11.80
N THR B 256 -11.12 0.57 11.59
CA THR B 256 -10.28 1.46 10.79
C THR B 256 -9.97 0.86 9.41
N LYS B 257 -10.71 -0.15 9.01
CA LYS B 257 -10.49 -0.84 7.74
C LYS B 257 -11.04 -0.11 6.48
N GLY B 258 -11.69 1.03 6.61
CA GLY B 258 -12.34 1.64 5.43
C GLY B 258 -11.32 2.04 4.33
N LYS B 259 -10.27 2.73 4.68
CA LYS B 259 -9.30 3.15 3.62
C LYS B 259 -8.63 1.97 2.93
N PRO B 260 -8.08 1.04 3.70
CA PRO B 260 -7.53 -0.17 3.03
C PRO B 260 -8.48 -0.92 2.17
N THR B 261 -9.75 -0.93 2.60
CA THR B 261 -10.79 -1.56 1.82
C THR B 261 -11.00 -0.82 0.45
N ILE B 262 -11.08 0.51 0.48
CA ILE B 262 -11.18 1.31 -0.72
C ILE B 262 -9.98 1.02 -1.66
N ALA B 263 -8.77 1.03 -1.09
CA ALA B 263 -7.56 0.72 -1.94
C ALA B 263 -7.70 -0.68 -2.58
N ALA B 264 -8.13 -1.64 -1.77
CA ALA B 264 -8.30 -2.99 -2.28
C ALA B 264 -9.32 -3.07 -3.38
N ALA B 265 -10.48 -2.40 -3.17
CA ALA B 265 -11.49 -2.38 -4.18
C ALA B 265 -11.03 -1.74 -5.47
N THR B 266 -10.23 -0.71 -5.33
CA THR B 266 -9.68 0.05 -6.49
C THR B 266 -8.80 -0.91 -7.32
N ARG B 267 -7.96 -1.64 -6.64
CA ARG B 267 -7.10 -2.62 -7.32
C ARG B 267 -7.93 -3.63 -8.10
N ILE B 268 -9.02 -4.14 -7.49
CA ILE B 268 -9.92 -5.04 -8.19
C ILE B 268 -10.50 -4.40 -9.44
N VAL B 269 -10.96 -3.15 -9.35
CA VAL B 269 -11.52 -2.46 -10.44
C VAL B 269 -10.53 -2.23 -11.61
N LEU B 270 -9.33 -1.78 -11.25
CA LEU B 270 -8.31 -1.48 -12.25
C LEU B 270 -7.92 -2.78 -12.98
N ARG B 271 -7.74 -3.85 -12.20
CA ARG B 271 -7.44 -5.17 -12.83
C ARG B 271 -8.57 -5.60 -13.73
N ALA B 272 -9.83 -5.38 -13.34
CA ALA B 272 -10.98 -5.71 -14.20
C ALA B 272 -10.96 -4.99 -15.52
N PHE B 273 -10.46 -3.75 -15.51
CA PHE B 273 -10.37 -2.94 -16.68
C PHE B 273 -9.02 -3.13 -17.41
N GLY B 274 -8.21 -4.07 -16.98
CA GLY B 274 -6.97 -4.37 -17.66
C GLY B 274 -5.96 -3.25 -17.53
N ALA B 275 -6.09 -2.43 -16.48
CA ALA B 275 -5.26 -1.25 -16.30
C ALA B 275 -4.23 -1.50 -15.20
C ACT C . 11.73 -10.77 -3.54
O ACT C . 10.97 -11.77 -3.73
OXT ACT C . 12.94 -10.81 -3.81
CH3 ACT C . 11.42 -9.54 -2.88
C1 GOL D . 34.28 -4.37 1.27
O1 GOL D . 33.19 -3.67 1.83
C2 GOL D . 35.55 -3.83 1.77
O2 GOL D . 35.55 -4.26 3.13
C3 GOL D . 35.53 -2.34 1.55
O3 GOL D . 35.23 -1.86 0.21
C ACT E . -12.46 13.49 4.47
O ACT E . -13.38 14.26 4.94
OXT ACT E . -11.53 13.98 3.85
CH3 ACT E . -12.46 12.13 4.48
C1 GOL F . -2.12 32.27 8.51
O1 GOL F . -0.89 31.68 9.00
C2 GOL F . -2.33 33.46 9.39
O2 GOL F . -2.91 32.97 10.59
C3 GOL F . -3.22 34.48 8.71
O3 GOL F . -2.39 35.13 7.73
#